data_4U9O
#
_entry.id   4U9O
#
_cell.length_a   78.270
_cell.length_b   84.310
_cell.length_c   102.860
_cell.angle_alpha   90.000
_cell.angle_beta   90.000
_cell.angle_gamma   90.000
#
_symmetry.space_group_name_H-M   'C 2 2 21'
#
loop_
_entity.id
_entity.type
_entity.pdbx_description
1 polymer 'Na(+)-translocating NADH-quinone reductase subunit A'
2 non-polymer 2,3-DIHYDROXY-1,4-DITHIOBUTANE
3 water water
#
_entity_poly.entity_id   1
_entity_poly.type   'polypeptide(L)'
_entity_poly.pdbx_seq_one_letter_code
;GSHMITIKKGLDLPIAGTPSQVISDGKAIKKVALLGEEYVGMRPTMHVRVGDEVKKAQILFEDKKNPGVKFTSPVSGKVV
EINRGAKRVLQSVVIEVAGDDQVTFDKFEANQLASLNRDAIKTQLVESGLWTAFRTRPFSKVPAIDSTSEAIFVTAMDTN
PLAAEPTVVINEQSEAFVAGLDVLSALTTGKVYVCKKGTSLPRSQQPNVEEHVFDGPHPAGLAGTHMHFLYPVSADHVAW
SINYQDVIAVGQLFLTGELYTQRVVSLAGPVVNKPRLVRTVMGASLEQLVDSEIMPGEVRIISGSVLSGTKATGPHAYLG
RYHLQVSVLREGRDKELFGWAMPGKNKFSVTRSFLGHLFK
;
_entity_poly.pdbx_strand_id   A
#
loop_
_chem_comp.id
_chem_comp.type
_chem_comp.name
_chem_comp.formula
DTT non-polymer 2,3-DIHYDROXY-1,4-DITHIOBUTANE 'C4 H10 O2 S2'
#
# COMPACT_ATOMS: atom_id res chain seq x y z
N PRO A 14 -18.20 23.73 -5.10
CA PRO A 14 -18.36 22.33 -4.70
C PRO A 14 -17.05 21.71 -4.21
N ILE A 15 -16.64 22.04 -2.99
CA ILE A 15 -15.36 21.58 -2.47
C ILE A 15 -15.57 20.64 -1.29
N ALA A 16 -16.11 21.15 -0.17
CA ALA A 16 -16.36 20.36 1.05
C ALA A 16 -15.14 19.53 1.45
N GLY A 17 -13.96 20.14 1.33
CA GLY A 17 -12.72 19.46 1.65
C GLY A 17 -12.04 18.78 0.50
N THR A 18 -12.44 19.07 -0.73
CA THR A 18 -11.85 18.44 -1.90
C THR A 18 -10.36 18.76 -1.98
N PRO A 19 -9.49 17.76 -2.13
CA PRO A 19 -8.06 18.06 -2.10
C PRO A 19 -7.60 18.72 -3.38
N SER A 20 -6.66 19.64 -3.22
CA SER A 20 -5.82 20.09 -4.34
C SER A 20 -5.01 18.92 -4.86
N GLN A 21 -5.16 18.61 -6.16
CA GLN A 21 -4.48 17.46 -6.75
C GLN A 21 -3.04 17.84 -7.12
N VAL A 22 -2.31 18.27 -6.09
CA VAL A 22 -0.94 18.73 -6.17
C VAL A 22 -0.21 18.09 -5.01
N ILE A 23 1.02 17.65 -5.24
CA ILE A 23 1.79 16.89 -4.25
C ILE A 23 2.74 17.82 -3.52
N SER A 24 2.75 17.72 -2.19
CA SER A 24 3.72 18.42 -1.37
C SER A 24 4.13 17.49 -0.23
N ASP A 25 5.08 17.94 0.59
CA ASP A 25 5.56 17.12 1.69
C ASP A 25 4.54 17.06 2.82
N GLY A 26 4.36 15.86 3.38
CA GLY A 26 3.53 15.72 4.55
C GLY A 26 4.31 16.07 5.82
N LYS A 27 3.59 16.17 6.94
CA LYS A 27 4.25 16.43 8.21
C LYS A 27 5.18 15.28 8.58
N ALA A 28 6.16 15.59 9.42
CA ALA A 28 7.21 14.64 9.76
C ALA A 28 6.66 13.43 10.52
N ILE A 29 7.15 12.25 10.16
CA ILE A 29 6.69 10.98 10.73
C ILE A 29 7.83 10.36 11.53
N LYS A 30 7.57 10.07 12.81
CA LYS A 30 8.57 9.48 13.68
C LYS A 30 8.28 8.01 14.01
N LYS A 31 7.08 7.52 13.72
CA LYS A 31 6.75 6.12 13.94
C LYS A 31 5.75 5.67 12.89
N VAL A 32 5.78 4.37 12.60
CA VAL A 32 4.88 3.72 11.65
C VAL A 32 4.39 2.41 12.27
N ALA A 33 3.36 1.81 11.67
CA ALA A 33 2.90 0.51 12.14
C ALA A 33 2.34 -0.32 11.01
N LEU A 34 2.40 -1.64 11.20
CA LEU A 34 1.54 -2.56 10.48
C LEU A 34 0.36 -2.92 11.39
N LEU A 35 -0.82 -3.08 10.79
CA LEU A 35 -2.07 -3.29 11.50
C LEU A 35 -2.57 -4.72 11.24
N GLY A 36 -2.62 -5.53 12.29
CA GLY A 36 -2.85 -6.95 12.12
C GLY A 36 -4.26 -7.32 11.67
N GLU A 37 -5.24 -6.49 12.00
CA GLU A 37 -6.63 -6.80 11.69
C GLU A 37 -7.01 -6.48 10.25
N GLU A 38 -6.11 -5.86 9.49
CA GLU A 38 -6.39 -5.52 8.10
C GLU A 38 -6.25 -6.69 7.15
N TYR A 39 -5.66 -7.77 7.61
CA TYR A 39 -5.35 -8.93 6.75
C TYR A 39 -6.32 -10.04 7.10
N VAL A 40 -7.21 -10.37 6.15
CA VAL A 40 -8.28 -11.33 6.42
C VAL A 40 -7.69 -12.62 6.97
N GLY A 41 -8.29 -13.13 8.03
CA GLY A 41 -7.96 -14.43 8.59
C GLY A 41 -6.60 -14.53 9.23
N MET A 42 -5.88 -13.41 9.34
CA MET A 42 -4.50 -13.47 9.79
C MET A 42 -4.44 -13.89 11.26
N ARG A 43 -3.60 -14.89 11.54
CA ARG A 43 -3.28 -15.30 12.91
C ARG A 43 -1.77 -15.20 13.06
N PRO A 44 -1.27 -14.20 13.77
CA PRO A 44 0.15 -13.87 13.67
C PRO A 44 1.04 -14.75 14.54
N THR A 45 2.25 -14.99 14.02
CA THR A 45 3.38 -15.49 14.81
C THR A 45 4.41 -14.37 14.81
N MET A 46 4.69 -13.82 16.00
CA MET A 46 5.57 -12.66 16.05
C MET A 46 7.03 -13.07 15.85
N HIS A 47 7.76 -12.27 15.07
CA HIS A 47 9.19 -12.47 14.87
C HIS A 47 10.03 -11.37 15.51
N VAL A 48 9.39 -10.45 16.22
CA VAL A 48 10.08 -9.41 16.98
C VAL A 48 9.32 -9.23 18.28
N ARG A 49 9.99 -8.57 19.23
CA ARG A 49 9.35 -8.11 20.46
C ARG A 49 9.72 -6.66 20.65
N VAL A 50 8.96 -5.98 21.53
CA VAL A 50 9.26 -4.61 21.91
C VAL A 50 10.72 -4.50 22.31
N GLY A 51 11.41 -3.49 21.80
CA GLY A 51 12.81 -3.29 22.05
C GLY A 51 13.74 -3.79 20.97
N ASP A 52 13.26 -4.68 20.10
CA ASP A 52 14.09 -5.14 19.00
C ASP A 52 14.32 -4.02 18.00
N GLU A 53 15.54 -3.96 17.46
CA GLU A 53 15.81 -3.09 16.33
C GLU A 53 15.59 -3.88 15.05
N VAL A 54 14.95 -3.24 14.06
CA VAL A 54 14.62 -3.89 12.81
C VAL A 54 15.17 -3.08 11.64
N LYS A 55 15.45 -3.78 10.55
CA LYS A 55 15.80 -3.13 9.30
C LYS A 55 14.54 -2.97 8.46
N LYS A 56 14.59 -2.03 7.52
CA LYS A 56 13.52 -1.99 6.53
C LYS A 56 13.50 -3.33 5.81
N ALA A 57 12.29 -3.84 5.58
CA ALA A 57 12.01 -5.11 4.90
C ALA A 57 12.39 -6.32 5.74
N GLN A 58 12.69 -6.16 7.02
CA GLN A 58 12.82 -7.28 7.94
C GLN A 58 11.45 -7.74 8.42
N ILE A 59 11.29 -9.07 8.56
N ILE A 59 11.29 -9.05 8.60
CA ILE A 59 10.03 -9.63 8.99
CA ILE A 59 9.97 -9.60 8.89
C ILE A 59 9.67 -9.15 10.38
C ILE A 59 9.60 -9.32 10.35
N LEU A 60 8.40 -8.77 10.56
CA LEU A 60 7.84 -8.51 11.87
C LEU A 60 6.96 -9.67 12.36
N PHE A 61 6.22 -10.31 11.46
CA PHE A 61 5.43 -11.46 11.86
C PHE A 61 5.04 -12.25 10.62
N GLU A 62 4.59 -13.48 10.86
N GLU A 62 4.63 -13.49 10.85
CA GLU A 62 4.09 -14.36 9.79
CA GLU A 62 4.07 -14.34 9.81
C GLU A 62 2.69 -14.83 10.16
C GLU A 62 2.60 -14.61 10.09
N ASP A 63 1.95 -15.26 9.14
CA ASP A 63 0.56 -15.67 9.27
C ASP A 63 0.50 -17.18 9.36
N LYS A 64 0.06 -17.69 10.52
CA LYS A 64 -0.12 -19.13 10.69
C LYS A 64 -1.11 -19.71 9.69
N LYS A 65 -2.09 -18.91 9.27
CA LYS A 65 -3.11 -19.41 8.35
C LYS A 65 -2.81 -19.08 6.90
N ASN A 66 -1.60 -18.58 6.61
CA ASN A 66 -1.16 -18.32 5.24
C ASN A 66 0.35 -18.55 5.17
N PRO A 67 0.78 -19.80 5.28
CA PRO A 67 2.20 -20.08 5.55
C PRO A 67 3.13 -19.49 4.49
N GLY A 68 4.24 -18.92 4.95
CA GLY A 68 5.24 -18.38 4.08
C GLY A 68 5.07 -16.91 3.74
N VAL A 69 3.90 -16.32 3.99
CA VAL A 69 3.73 -14.89 3.75
C VAL A 69 4.42 -14.13 4.85
N LYS A 70 5.18 -13.10 4.49
CA LYS A 70 5.97 -12.34 5.43
C LYS A 70 5.46 -10.91 5.48
N PHE A 71 5.32 -10.39 6.69
CA PHE A 71 4.86 -9.03 6.92
C PHE A 71 6.05 -8.26 7.46
N THR A 72 6.58 -7.33 6.66
CA THR A 72 7.89 -6.74 6.92
C THR A 72 7.79 -5.27 7.31
N SER A 73 8.86 -4.79 7.93
CA SER A 73 8.87 -3.43 8.45
C SER A 73 9.03 -2.42 7.32
N PRO A 74 8.21 -1.36 7.30
CA PRO A 74 8.39 -0.29 6.30
C PRO A 74 9.61 0.58 6.55
N VAL A 75 10.24 0.50 7.71
CA VAL A 75 11.32 1.41 8.08
C VAL A 75 12.37 0.69 8.90
N SER A 76 13.55 1.30 8.94
CA SER A 76 14.55 0.96 9.95
C SER A 76 14.16 1.64 11.27
N GLY A 77 14.26 0.90 12.37
CA GLY A 77 13.98 1.51 13.66
C GLY A 77 13.91 0.48 14.77
N LYS A 78 13.20 0.85 15.83
CA LYS A 78 13.05 0.00 17.00
C LYS A 78 11.58 -0.27 17.26
N VAL A 79 11.25 -1.53 17.58
CA VAL A 79 9.87 -1.86 17.91
C VAL A 79 9.54 -1.24 19.27
N VAL A 80 8.53 -0.39 19.31
CA VAL A 80 8.16 0.30 20.54
C VAL A 80 6.81 -0.16 21.09
N GLU A 81 5.95 -0.77 20.28
CA GLU A 81 4.65 -1.23 20.75
C GLU A 81 4.22 -2.46 19.97
N ILE A 82 3.68 -3.44 20.68
CA ILE A 82 2.95 -4.55 20.07
C ILE A 82 1.59 -4.58 20.75
N ASN A 83 0.59 -3.97 20.10
CA ASN A 83 -0.71 -3.74 20.69
C ASN A 83 -1.65 -4.90 20.38
N ARG A 84 -2.34 -5.40 21.39
CA ARG A 84 -3.26 -6.52 21.23
C ARG A 84 -4.62 -6.17 21.83
N GLY A 85 -5.68 -6.69 21.21
CA GLY A 85 -7.03 -6.46 21.67
C GLY A 85 -7.71 -7.69 22.23
N ALA A 86 -9.03 -7.76 22.12
CA ALA A 86 -9.78 -8.89 22.63
C ALA A 86 -9.39 -10.17 21.89
N LYS A 87 -9.35 -11.28 22.63
CA LYS A 87 -8.90 -12.57 22.11
C LYS A 87 -7.46 -12.48 21.61
N ARG A 88 -6.73 -11.44 22.05
CA ARG A 88 -5.30 -11.29 21.80
C ARG A 88 -5.01 -10.98 20.33
N VAL A 89 -5.93 -10.34 19.61
CA VAL A 89 -5.66 -10.01 18.21
C VAL A 89 -4.60 -8.92 18.12
N LEU A 90 -3.65 -9.14 17.22
CA LEU A 90 -2.64 -8.12 16.93
C LEU A 90 -3.33 -6.89 16.34
N GLN A 91 -3.35 -5.80 17.08
CA GLN A 91 -3.89 -4.56 16.55
C GLN A 91 -2.85 -3.82 15.70
N SER A 92 -1.64 -3.68 16.24
CA SER A 92 -0.57 -3.00 15.51
C SER A 92 0.78 -3.38 16.08
N VAL A 93 1.79 -3.38 15.22
CA VAL A 93 3.19 -3.44 15.61
C VAL A 93 3.80 -2.10 15.22
N VAL A 94 4.25 -1.32 16.21
CA VAL A 94 4.65 0.07 16.00
C VAL A 94 6.16 0.19 16.04
N ILE A 95 6.73 0.86 15.04
CA ILE A 95 8.17 0.98 14.85
C ILE A 95 8.53 2.44 14.89
N GLU A 96 9.41 2.82 15.81
CA GLU A 96 9.93 4.18 15.88
C GLU A 96 11.11 4.32 14.95
N VAL A 97 11.00 5.22 13.97
CA VAL A 97 12.02 5.35 12.93
C VAL A 97 13.37 5.70 13.52
N ALA A 98 14.41 4.99 13.09
CA ALA A 98 15.78 5.34 13.43
C ALA A 98 16.71 4.70 12.42
N GLY A 99 17.60 5.50 11.84
CA GLY A 99 18.60 4.98 10.95
C GLY A 99 18.05 4.66 9.57
N ASP A 100 18.87 3.95 8.79
CA ASP A 100 18.49 3.63 7.42
C ASP A 100 18.85 2.18 7.04
N ASP A 101 19.01 1.30 8.02
CA ASP A 101 19.32 -0.10 7.74
C ASP A 101 18.19 -0.74 6.94
N GLN A 102 18.54 -1.71 6.11
CA GLN A 102 17.54 -2.36 5.27
C GLN A 102 18.06 -3.68 4.74
N VAL A 103 17.12 -4.59 4.49
CA VAL A 103 17.38 -5.80 3.71
C VAL A 103 17.28 -5.43 2.23
N THR A 104 18.24 -5.88 1.43
CA THR A 104 18.24 -5.59 0.01
C THR A 104 18.09 -6.88 -0.79
N PHE A 105 17.66 -6.72 -2.03
CA PHE A 105 17.26 -7.83 -2.88
C PHE A 105 17.91 -7.65 -4.25
N ASP A 106 17.68 -8.61 -5.15
CA ASP A 106 18.28 -8.53 -6.48
C ASP A 106 17.69 -7.35 -7.24
N LYS A 107 18.52 -6.73 -8.09
CA LYS A 107 18.03 -5.67 -8.96
C LYS A 107 18.32 -6.02 -10.41
N PHE A 108 17.51 -5.43 -11.29
CA PHE A 108 17.54 -5.78 -12.71
C PHE A 108 17.39 -4.50 -13.54
N GLU A 109 17.87 -4.59 -14.78
CA GLU A 109 17.55 -3.59 -15.79
C GLU A 109 16.07 -3.67 -16.15
N ALA A 110 15.51 -2.52 -16.51
CA ALA A 110 14.08 -2.47 -16.85
C ALA A 110 13.74 -3.40 -18.00
N ASN A 111 14.65 -3.57 -18.96
CA ASN A 111 14.41 -4.43 -20.12
C ASN A 111 14.42 -5.91 -19.78
N GLN A 112 14.84 -6.29 -18.57
CA GLN A 112 14.84 -7.71 -18.18
C GLN A 112 13.56 -8.12 -17.46
N LEU A 113 12.78 -7.16 -16.97
CA LEU A 113 11.71 -7.48 -16.01
C LEU A 113 10.65 -8.39 -16.62
N ALA A 114 10.19 -8.09 -17.83
CA ALA A 114 9.11 -8.88 -18.39
C ALA A 114 9.53 -10.31 -18.67
N SER A 115 10.83 -10.61 -18.69
CA SER A 115 11.33 -11.95 -19.00
C SER A 115 11.71 -12.75 -17.76
N LEU A 116 11.62 -12.19 -16.57
CA LEU A 116 11.98 -12.92 -15.36
C LEU A 116 11.04 -14.09 -15.13
N ASN A 117 11.56 -15.13 -14.47
N ASN A 117 11.54 -15.15 -14.50
CA ASN A 117 10.79 -16.31 -14.11
CA ASN A 117 10.69 -16.29 -14.26
C ASN A 117 9.80 -15.98 -13.00
C ASN A 117 9.84 -16.07 -13.01
N ARG A 118 8.60 -16.57 -13.09
CA ARG A 118 7.56 -16.33 -12.09
C ARG A 118 8.01 -16.68 -10.67
N ASP A 119 8.72 -17.78 -10.52
CA ASP A 119 9.10 -18.21 -9.18
C ASP A 119 10.12 -17.27 -8.54
N ALA A 120 11.04 -16.73 -9.33
CA ALA A 120 11.96 -15.74 -8.77
C ALA A 120 11.23 -14.47 -8.39
N ILE A 121 10.25 -14.06 -9.20
CA ILE A 121 9.47 -12.87 -8.89
C ILE A 121 8.74 -13.04 -7.56
N LYS A 122 8.06 -14.19 -7.38
CA LYS A 122 7.34 -14.44 -6.14
C LYS A 122 8.26 -14.41 -4.94
N THR A 123 9.42 -15.05 -5.05
CA THR A 123 10.33 -15.12 -3.91
C THR A 123 10.78 -13.72 -3.50
N GLN A 124 11.10 -12.86 -4.47
CA GLN A 124 11.51 -11.51 -4.12
C GLN A 124 10.36 -10.71 -3.54
N LEU A 125 9.15 -10.85 -4.10
CA LEU A 125 7.99 -10.15 -3.51
C LEU A 125 7.68 -10.69 -2.12
N VAL A 126 7.76 -12.02 -1.94
CA VAL A 126 7.46 -12.59 -0.61
C VAL A 126 8.51 -12.15 0.41
N GLU A 127 9.79 -12.28 0.05
CA GLU A 127 10.87 -11.98 0.99
C GLU A 127 10.86 -10.52 1.42
N SER A 128 10.51 -9.62 0.50
CA SER A 128 10.51 -8.20 0.83
C SER A 128 9.28 -7.78 1.59
N GLY A 129 8.24 -8.62 1.61
CA GLY A 129 6.97 -8.29 2.21
C GLY A 129 5.98 -7.66 1.27
N LEU A 130 6.42 -7.30 0.05
CA LEU A 130 5.52 -6.61 -0.87
C LEU A 130 4.44 -7.53 -1.44
N TRP A 131 4.61 -8.85 -1.28
CA TRP A 131 3.55 -9.79 -1.65
C TRP A 131 2.21 -9.46 -1.00
N THR A 132 2.23 -8.82 0.18
CA THR A 132 0.99 -8.48 0.85
C THR A 132 0.20 -7.40 0.12
N ALA A 133 0.81 -6.72 -0.85
CA ALA A 133 0.06 -5.77 -1.67
C ALA A 133 -1.07 -6.45 -2.45
N PHE A 134 -0.93 -7.75 -2.75
CA PHE A 134 -1.95 -8.46 -3.52
C PHE A 134 -3.08 -8.97 -2.63
N ARG A 135 -4.30 -8.92 -3.15
CA ARG A 135 -5.45 -9.53 -2.51
C ARG A 135 -6.27 -10.30 -3.55
N THR A 136 -6.79 -11.47 -3.14
CA THR A 136 -7.60 -12.27 -4.03
C THR A 136 -8.99 -11.68 -4.16
N ARG A 137 -9.65 -12.02 -5.27
CA ARG A 137 -11.04 -11.66 -5.49
C ARG A 137 -11.86 -12.94 -5.69
N PRO A 138 -12.82 -13.20 -4.79
CA PRO A 138 -13.04 -12.36 -3.61
C PRO A 138 -12.21 -12.84 -2.44
N PHE A 139 -12.81 -12.82 -1.25
N PHE A 139 -12.83 -12.90 -1.25
CA PHE A 139 -12.17 -13.17 0.03
CA PHE A 139 -12.18 -13.24 0.01
C PHE A 139 -11.20 -12.08 0.47
C PHE A 139 -11.25 -12.13 0.46
N SER A 140 -10.63 -11.34 -0.47
N SER A 140 -10.64 -11.41 -0.49
CA SER A 140 -9.72 -10.23 -0.18
CA SER A 140 -9.76 -10.29 -0.18
C SER A 140 -8.51 -10.69 0.63
C SER A 140 -8.58 -10.72 0.67
N LYS A 141 -8.12 -11.95 0.48
CA LYS A 141 -7.00 -12.50 1.22
C LYS A 141 -5.71 -12.32 0.42
N VAL A 142 -4.59 -12.23 1.13
CA VAL A 142 -3.29 -12.27 0.44
C VAL A 142 -3.16 -13.64 -0.22
N PRO A 143 -2.77 -13.72 -1.49
CA PRO A 143 -2.73 -15.03 -2.15
C PRO A 143 -1.75 -15.98 -1.47
N ALA A 144 -2.06 -17.28 -1.52
CA ALA A 144 -1.11 -18.27 -1.04
C ALA A 144 0.16 -18.19 -1.89
N ILE A 145 1.32 -18.37 -1.24
CA ILE A 145 2.55 -18.14 -1.99
C ILE A 145 2.76 -19.19 -3.05
N ASP A 146 2.12 -20.35 -2.93
CA ASP A 146 2.25 -21.41 -3.92
C ASP A 146 1.23 -21.32 -5.04
N SER A 147 0.45 -20.23 -5.09
CA SER A 147 -0.63 -20.07 -6.06
C SER A 147 -0.23 -19.10 -7.17
N THR A 148 -1.00 -19.15 -8.25
CA THR A 148 -0.84 -18.24 -9.37
C THR A 148 -2.23 -17.74 -9.76
N SER A 149 -2.25 -16.74 -10.64
CA SER A 149 -3.51 -16.21 -11.13
C SER A 149 -3.38 -15.87 -12.61
N GLU A 150 -4.47 -16.12 -13.35
N GLU A 150 -4.47 -16.11 -13.35
CA GLU A 150 -4.54 -15.75 -14.77
CA GLU A 150 -4.54 -15.75 -14.75
C GLU A 150 -4.96 -14.30 -14.98
C GLU A 150 -4.90 -14.29 -14.97
N ALA A 151 -5.23 -13.56 -13.91
CA ALA A 151 -5.79 -12.22 -14.08
C ALA A 151 -5.38 -11.37 -12.90
N ILE A 152 -4.42 -10.49 -13.12
CA ILE A 152 -4.01 -9.53 -12.10
C ILE A 152 -4.60 -8.19 -12.48
N PHE A 153 -5.42 -7.63 -11.61
CA PHE A 153 -6.04 -6.33 -11.84
C PHE A 153 -5.23 -5.27 -11.13
N VAL A 154 -4.90 -4.20 -11.86
CA VAL A 154 -4.23 -3.04 -11.29
C VAL A 154 -5.25 -1.93 -11.19
N THR A 155 -5.53 -1.48 -9.97
CA THR A 155 -6.50 -0.40 -9.76
C THR A 155 -5.72 0.90 -9.89
N ALA A 156 -5.84 1.56 -11.05
CA ALA A 156 -5.25 2.86 -11.32
C ALA A 156 -6.33 3.91 -11.45
N MET A 157 -7.42 3.69 -10.75
CA MET A 157 -8.50 4.64 -10.56
C MET A 157 -8.91 4.51 -9.11
N ASP A 158 -9.62 5.51 -8.61
CA ASP A 158 -10.07 5.50 -7.23
C ASP A 158 -11.42 6.19 -7.19
N THR A 159 -12.46 5.47 -6.78
CA THR A 159 -13.81 6.03 -6.78
C THR A 159 -14.21 6.59 -5.43
N ASN A 160 -13.32 6.52 -4.43
CA ASN A 160 -13.68 7.03 -3.12
C ASN A 160 -13.75 8.55 -3.16
N PRO A 161 -14.70 9.15 -2.45
CA PRO A 161 -14.74 10.62 -2.37
C PRO A 161 -13.46 11.13 -1.74
N LEU A 162 -12.89 12.19 -2.34
CA LEU A 162 -11.69 12.89 -1.88
C LEU A 162 -10.41 12.11 -2.13
N ALA A 163 -10.43 11.12 -3.02
CA ALA A 163 -9.22 10.35 -3.28
C ALA A 163 -8.22 11.15 -4.11
N ALA A 164 -6.96 10.75 -4.01
CA ALA A 164 -5.92 11.28 -4.90
C ALA A 164 -6.17 10.79 -6.33
N GLU A 165 -5.89 11.66 -7.29
N GLU A 165 -5.89 11.66 -7.28
CA GLU A 165 -5.99 11.27 -8.70
CA GLU A 165 -5.96 11.28 -8.70
C GLU A 165 -4.77 10.41 -9.07
C GLU A 165 -4.76 10.40 -9.04
N PRO A 166 -4.96 9.13 -9.41
CA PRO A 166 -3.79 8.29 -9.68
C PRO A 166 -2.84 8.82 -10.75
N THR A 167 -3.36 9.47 -11.80
CA THR A 167 -2.49 9.99 -12.86
C THR A 167 -1.45 10.98 -12.31
N VAL A 168 -1.84 11.80 -11.34
CA VAL A 168 -0.88 12.76 -10.78
C VAL A 168 0.26 12.04 -10.10
N VAL A 169 -0.05 10.94 -9.39
CA VAL A 169 0.98 10.20 -8.67
C VAL A 169 1.85 9.43 -9.66
N ILE A 170 1.22 8.75 -10.61
CA ILE A 170 1.96 7.95 -11.58
C ILE A 170 2.86 8.83 -12.44
N ASN A 171 2.48 10.09 -12.66
CA ASN A 171 3.30 10.94 -13.52
CA ASN A 171 3.29 10.98 -13.50
C ASN A 171 4.68 11.22 -12.90
N GLU A 172 4.80 11.19 -11.57
CA GLU A 172 6.11 11.34 -10.97
C GLU A 172 6.95 10.08 -11.06
N GLN A 173 6.34 8.95 -11.38
CA GLN A 173 6.95 7.63 -11.25
C GLN A 173 6.63 6.77 -12.47
N SER A 174 6.71 7.37 -13.66
CA SER A 174 6.30 6.67 -14.87
CA SER A 174 6.29 6.66 -14.87
C SER A 174 7.15 5.42 -15.11
N GLU A 175 8.47 5.54 -14.95
CA GLU A 175 9.36 4.40 -15.18
C GLU A 175 9.05 3.25 -14.23
N ALA A 176 8.89 3.55 -12.94
CA ALA A 176 8.64 2.48 -11.97
C ALA A 176 7.25 1.87 -12.15
N PHE A 177 6.26 2.69 -12.51
CA PHE A 177 4.92 2.15 -12.78
C PHE A 177 4.96 1.12 -13.90
N VAL A 178 5.57 1.49 -15.04
CA VAL A 178 5.65 0.56 -16.16
C VAL A 178 6.50 -0.65 -15.80
N ALA A 179 7.61 -0.43 -15.07
CA ALA A 179 8.42 -1.54 -14.62
C ALA A 179 7.61 -2.50 -13.77
N GLY A 180 6.77 -1.97 -12.86
CA GLY A 180 5.91 -2.84 -12.09
C GLY A 180 4.92 -3.60 -12.96
N LEU A 181 4.34 -2.94 -13.96
CA LEU A 181 3.46 -3.65 -14.88
C LEU A 181 4.22 -4.78 -15.59
N ASP A 182 5.46 -4.52 -16.01
CA ASP A 182 6.25 -5.56 -16.68
C ASP A 182 6.50 -6.76 -15.76
N VAL A 183 6.77 -6.50 -14.48
CA VAL A 183 6.91 -7.60 -13.53
C VAL A 183 5.61 -8.38 -13.40
N LEU A 184 4.48 -7.68 -13.29
CA LEU A 184 3.19 -8.35 -13.20
C LEU A 184 2.90 -9.15 -14.47
N SER A 185 3.34 -8.64 -15.62
CA SER A 185 3.07 -9.36 -16.87
C SER A 185 3.75 -10.71 -16.89
N ALA A 186 4.87 -10.84 -16.18
CA ALA A 186 5.57 -12.11 -16.06
C ALA A 186 5.00 -12.95 -14.93
N LEU A 187 4.47 -12.29 -13.88
CA LEU A 187 3.92 -13.01 -12.73
C LEU A 187 2.60 -13.70 -13.07
N THR A 188 1.68 -12.99 -13.73
CA THR A 188 0.42 -13.59 -14.15
C THR A 188 0.65 -14.75 -15.11
N THR A 189 -0.20 -15.77 -15.03
CA THR A 189 -0.21 -16.83 -16.05
C THR A 189 -1.09 -16.46 -17.23
N GLY A 190 -1.81 -15.35 -17.14
CA GLY A 190 -2.64 -14.88 -18.23
C GLY A 190 -2.38 -13.43 -18.58
N LYS A 191 -3.15 -12.51 -18.01
CA LYS A 191 -3.07 -11.11 -18.37
C LYS A 191 -3.04 -10.22 -17.13
N VAL A 192 -2.59 -9.00 -17.35
CA VAL A 192 -2.69 -7.89 -16.40
C VAL A 192 -3.71 -6.92 -16.95
N TYR A 193 -4.62 -6.43 -16.10
CA TYR A 193 -5.67 -5.51 -16.51
C TYR A 193 -5.48 -4.22 -15.72
N VAL A 194 -5.15 -3.14 -16.41
CA VAL A 194 -5.01 -1.84 -15.76
C VAL A 194 -6.37 -1.13 -15.80
N CYS A 195 -7.04 -1.05 -14.65
CA CYS A 195 -8.31 -0.34 -14.53
C CYS A 195 -8.03 1.14 -14.34
N LYS A 196 -8.58 1.97 -15.23
CA LYS A 196 -8.21 3.37 -15.24
C LYS A 196 -9.38 4.19 -15.77
N LYS A 197 -9.33 5.48 -15.49
CA LYS A 197 -10.23 6.40 -16.16
C LYS A 197 -9.74 6.66 -17.58
N GLY A 198 -10.46 7.52 -18.31
CA GLY A 198 -10.07 7.80 -19.69
C GLY A 198 -8.68 8.38 -19.83
N THR A 199 -8.26 9.20 -18.86
CA THR A 199 -6.99 9.91 -18.93
C THR A 199 -5.83 8.97 -19.23
N SER A 200 -5.00 9.35 -20.21
CA SER A 200 -3.97 8.47 -20.70
C SER A 200 -2.88 8.25 -19.66
N LEU A 201 -2.25 7.07 -19.71
CA LEU A 201 -1.20 6.69 -18.79
C LEU A 201 -0.01 6.11 -19.54
N PRO A 202 1.18 6.19 -18.93
CA PRO A 202 2.31 5.41 -19.44
C PRO A 202 1.89 3.96 -19.58
N ARG A 203 2.37 3.33 -20.67
CA ARG A 203 1.84 2.06 -21.15
C ARG A 203 2.92 1.00 -21.17
N SER A 204 2.62 -0.15 -20.55
CA SER A 204 3.50 -1.31 -20.70
C SER A 204 3.51 -1.73 -22.16
N GLN A 205 4.66 -2.20 -22.63
CA GLN A 205 4.81 -2.70 -24.00
C GLN A 205 4.58 -4.20 -24.09
N GLN A 206 4.22 -4.84 -23.00
CA GLN A 206 4.01 -6.28 -23.00
C GLN A 206 2.62 -6.61 -23.52
N PRO A 207 2.49 -7.60 -24.41
CA PRO A 207 1.21 -7.80 -25.10
C PRO A 207 0.11 -8.34 -24.21
N ASN A 208 0.42 -8.87 -23.02
CA ASN A 208 -0.62 -9.37 -22.12
C ASN A 208 -0.99 -8.36 -21.04
N VAL A 209 -0.64 -7.09 -21.19
CA VAL A 209 -1.08 -6.03 -20.28
C VAL A 209 -2.14 -5.23 -21.02
N GLU A 210 -3.37 -5.26 -20.51
CA GLU A 210 -4.53 -4.63 -21.12
C GLU A 210 -4.90 -3.41 -20.29
N GLU A 211 -5.61 -2.47 -20.91
CA GLU A 211 -6.21 -1.35 -20.20
C GLU A 211 -7.72 -1.51 -20.22
N HIS A 212 -8.36 -1.28 -19.07
CA HIS A 212 -9.81 -1.28 -18.92
C HIS A 212 -10.22 0.11 -18.52
N VAL A 213 -10.85 0.83 -19.44
CA VAL A 213 -11.17 2.23 -19.24
C VAL A 213 -12.58 2.35 -18.67
N PHE A 214 -12.70 3.10 -17.59
CA PHE A 214 -13.97 3.40 -16.96
C PHE A 214 -14.14 4.92 -16.90
N ASP A 215 -15.37 5.34 -16.64
CA ASP A 215 -15.68 6.75 -16.45
C ASP A 215 -16.73 6.85 -15.36
N GLY A 216 -16.38 7.46 -14.24
CA GLY A 216 -17.29 7.56 -13.10
C GLY A 216 -16.54 7.50 -11.78
N PRO A 217 -17.26 7.61 -10.66
CA PRO A 217 -18.72 7.73 -10.59
C PRO A 217 -19.22 9.15 -10.84
N HIS A 218 -20.47 9.24 -11.28
CA HIS A 218 -21.15 10.51 -11.45
C HIS A 218 -22.51 10.45 -10.76
N PRO A 219 -22.63 11.11 -9.60
CA PRO A 219 -21.65 12.04 -9.01
C PRO A 219 -20.59 11.33 -8.14
N ASP A 236 -7.22 -22.26 -10.43
CA ASP A 236 -8.47 -21.68 -9.94
C ASP A 236 -8.81 -20.38 -10.65
N HIS A 237 -10.09 -20.03 -10.65
CA HIS A 237 -10.55 -18.81 -11.33
C HIS A 237 -10.71 -17.68 -10.32
N VAL A 238 -9.57 -17.28 -9.77
CA VAL A 238 -9.53 -16.23 -8.77
C VAL A 238 -8.55 -15.17 -9.27
N ALA A 239 -9.05 -13.95 -9.42
CA ALA A 239 -8.22 -12.84 -9.85
C ALA A 239 -7.49 -12.26 -8.64
N TRP A 240 -6.38 -11.59 -8.90
CA TRP A 240 -5.71 -10.80 -7.87
C TRP A 240 -5.87 -9.33 -8.18
N SER A 241 -5.79 -8.52 -7.15
CA SER A 241 -5.86 -7.08 -7.33
CA SER A 241 -5.87 -7.07 -7.31
C SER A 241 -4.71 -6.42 -6.57
N ILE A 242 -4.22 -5.30 -7.11
CA ILE A 242 -3.14 -4.53 -6.51
C ILE A 242 -3.30 -3.08 -6.93
N ASN A 243 -3.09 -2.14 -6.01
CA ASN A 243 -3.28 -0.76 -6.45
C ASN A 243 -2.03 -0.17 -7.08
N TYR A 244 -2.22 0.96 -7.79
CA TYR A 244 -1.15 1.55 -8.60
C TYR A 244 0.06 2.00 -7.77
N GLN A 245 -0.12 2.43 -6.51
CA GLN A 245 1.06 2.81 -5.74
C GLN A 245 1.89 1.60 -5.36
N ASP A 246 1.22 0.46 -5.09
CA ASP A 246 1.97 -0.76 -4.87
C ASP A 246 2.61 -1.27 -6.15
N VAL A 247 2.01 -0.99 -7.32
CA VAL A 247 2.67 -1.33 -8.58
C VAL A 247 3.95 -0.52 -8.76
N ILE A 248 3.89 0.78 -8.43
CA ILE A 248 5.12 1.57 -8.43
C ILE A 248 6.16 0.96 -7.51
N ALA A 249 5.72 0.50 -6.33
CA ALA A 249 6.65 -0.12 -5.38
C ALA A 249 7.25 -1.41 -5.94
N VAL A 250 6.45 -2.17 -6.70
CA VAL A 250 6.97 -3.39 -7.34
C VAL A 250 8.06 -3.05 -8.34
N GLY A 251 7.82 -2.03 -9.17
CA GLY A 251 8.83 -1.61 -10.12
C GLY A 251 10.09 -1.13 -9.43
N GLN A 252 9.95 -0.35 -8.36
CA GLN A 252 11.12 0.11 -7.64
C GLN A 252 11.88 -1.05 -7.01
N LEU A 253 11.17 -2.02 -6.43
CA LEU A 253 11.81 -3.16 -5.81
C LEU A 253 12.70 -3.92 -6.80
N PHE A 254 12.22 -4.13 -8.02
CA PHE A 254 13.02 -4.90 -8.97
C PHE A 254 14.05 -4.05 -9.70
N LEU A 255 13.81 -2.74 -9.82
CA LEU A 255 14.80 -1.87 -10.45
C LEU A 255 15.95 -1.51 -9.52
N THR A 256 15.70 -1.45 -8.21
CA THR A 256 16.70 -0.97 -7.28
C THR A 256 17.11 -1.98 -6.22
N GLY A 257 16.34 -3.06 -6.05
CA GLY A 257 16.63 -4.02 -5.00
C GLY A 257 16.23 -3.59 -3.61
N GLU A 258 15.55 -2.45 -3.48
CA GLU A 258 15.16 -1.92 -2.18
C GLU A 258 13.65 -1.83 -2.09
N LEU A 259 13.13 -2.11 -0.89
CA LEU A 259 11.71 -1.90 -0.63
C LEU A 259 11.39 -0.40 -0.65
N TYR A 260 10.43 -0.02 -1.48
CA TYR A 260 10.07 1.39 -1.71
C TYR A 260 8.80 1.67 -0.92
N THR A 261 8.92 2.50 0.13
CA THR A 261 7.84 2.67 1.08
C THR A 261 7.14 4.01 0.96
N GLN A 262 7.52 4.82 -0.03
CA GLN A 262 6.85 6.10 -0.24
C GLN A 262 5.36 5.91 -0.49
N ARG A 263 4.57 6.85 0.02
CA ARG A 263 3.16 6.95 -0.26
C ARG A 263 2.85 8.39 -0.64
N VAL A 264 1.89 8.56 -1.55
CA VAL A 264 1.24 9.86 -1.78
C VAL A 264 -0.22 9.69 -1.37
N VAL A 265 -0.65 10.39 -0.32
CA VAL A 265 -2.01 10.18 0.15
C VAL A 265 -2.77 11.49 0.06
N SER A 266 -4.05 11.39 -0.26
CA SER A 266 -4.96 12.51 -0.11
C SER A 266 -5.22 12.76 1.37
N LEU A 267 -4.98 13.99 1.81
CA LEU A 267 -5.33 14.43 3.16
C LEU A 267 -6.48 15.42 2.97
N ALA A 268 -7.67 15.07 3.44
CA ALA A 268 -8.86 15.79 3.00
C ALA A 268 -9.99 15.58 4.00
N GLY A 269 -11.06 16.37 3.81
CA GLY A 269 -12.19 16.36 4.71
C GLY A 269 -12.52 17.77 5.17
N PRO A 270 -13.71 17.97 5.72
CA PRO A 270 -14.17 19.34 6.02
C PRO A 270 -13.31 20.10 7.02
N VAL A 271 -12.54 19.43 7.88
CA VAL A 271 -11.78 20.14 8.89
C VAL A 271 -10.30 20.24 8.54
N VAL A 272 -9.91 19.79 7.35
CA VAL A 272 -8.53 19.91 6.90
C VAL A 272 -8.35 21.30 6.30
N ASN A 273 -7.41 22.07 6.87
CA ASN A 273 -7.23 23.46 6.46
C ASN A 273 -6.84 23.58 4.99
N LYS A 274 -5.93 22.74 4.52
CA LYS A 274 -5.44 22.80 3.15
C LYS A 274 -5.44 21.40 2.59
N PRO A 275 -6.61 20.85 2.24
CA PRO A 275 -6.67 19.48 1.71
C PRO A 275 -5.86 19.40 0.43
N ARG A 276 -5.05 18.33 0.32
CA ARG A 276 -4.10 18.22 -0.77
C ARG A 276 -3.51 16.82 -0.73
N LEU A 277 -2.60 16.55 -1.66
CA LEU A 277 -1.85 15.31 -1.69
C LEU A 277 -0.54 15.50 -0.95
N VAL A 278 -0.22 14.60 -0.03
CA VAL A 278 0.98 14.77 0.78
C VAL A 278 1.82 13.50 0.71
N ARG A 279 3.14 13.69 0.70
CA ARG A 279 4.09 12.58 0.72
C ARG A 279 4.22 12.05 2.14
N THR A 280 4.15 10.73 2.28
CA THR A 280 4.37 10.14 3.59
C THR A 280 4.93 8.74 3.36
N VAL A 281 4.89 7.93 4.40
CA VAL A 281 5.49 6.59 4.38
C VAL A 281 4.41 5.57 4.69
N MET A 282 4.58 4.34 4.17
CA MET A 282 3.71 3.24 4.55
C MET A 282 3.56 3.17 6.06
N GLY A 283 2.32 3.05 6.53
CA GLY A 283 2.05 2.81 7.93
C GLY A 283 2.20 4.03 8.79
N ALA A 284 2.30 5.21 8.20
CA ALA A 284 2.63 6.42 8.97
C ALA A 284 1.68 6.64 10.13
N SER A 285 2.23 7.10 11.24
CA SER A 285 1.41 7.62 12.33
C SER A 285 0.50 8.72 11.81
N LEU A 286 -0.80 8.55 12.02
CA LEU A 286 -1.75 9.52 11.50
C LEU A 286 -1.91 10.69 12.46
N GLU A 287 -1.69 10.44 13.74
CA GLU A 287 -1.59 11.57 14.68
C GLU A 287 -0.48 12.52 14.25
N GLN A 288 0.66 11.99 13.82
CA GLN A 288 1.76 12.82 13.38
C GLN A 288 1.51 13.42 12.00
N LEU A 289 0.81 12.71 11.13
CA LEU A 289 0.59 13.22 9.78
C LEU A 289 -0.32 14.43 9.77
N VAL A 290 -1.33 14.45 10.65
CA VAL A 290 -2.32 15.52 10.65
C VAL A 290 -2.00 16.60 11.67
N ASP A 291 -0.84 16.54 12.32
CA ASP A 291 -0.47 17.53 13.32
C ASP A 291 -0.55 18.93 12.75
N SER A 292 -1.44 19.72 13.35
CA SER A 292 -1.98 21.02 12.89
C SER A 292 -2.03 21.17 11.38
N GLU A 293 -2.68 20.21 10.75
CA GLU A 293 -3.34 20.39 9.48
C GLU A 293 -4.82 20.70 9.64
N ILE A 294 -5.31 20.74 10.87
CA ILE A 294 -6.73 20.58 11.16
C ILE A 294 -7.27 21.82 11.87
N MET A 295 -8.52 22.14 11.56
CA MET A 295 -9.24 23.20 12.25
C MET A 295 -9.50 22.83 13.70
N PRO A 296 -9.66 23.82 14.58
CA PRO A 296 -9.94 23.50 15.97
C PRO A 296 -11.29 22.84 16.14
N GLY A 297 -11.41 22.04 17.19
CA GLY A 297 -12.64 21.35 17.52
C GLY A 297 -12.43 19.85 17.59
N GLU A 298 -13.50 19.16 17.97
CA GLU A 298 -13.43 17.70 18.07
C GLU A 298 -13.57 17.10 16.68
N VAL A 299 -12.60 16.27 16.29
CA VAL A 299 -12.53 15.70 14.96
C VAL A 299 -12.31 14.20 15.07
N ARG A 300 -12.56 13.51 13.95
CA ARG A 300 -12.31 12.08 13.88
C ARG A 300 -11.45 11.80 12.68
N ILE A 301 -10.36 11.06 12.88
CA ILE A 301 -9.43 10.72 11.81
C ILE A 301 -9.76 9.31 11.34
N ILE A 302 -9.84 9.15 10.03
CA ILE A 302 -10.11 7.86 9.41
C ILE A 302 -8.95 7.53 8.48
N SER A 303 -8.38 6.34 8.64
CA SER A 303 -7.46 5.81 7.63
C SER A 303 -8.31 5.26 6.49
N GLY A 304 -8.11 5.78 5.28
CA GLY A 304 -8.99 5.47 4.17
C GLY A 304 -10.14 6.45 4.05
N SER A 305 -11.29 6.00 3.55
CA SER A 305 -12.42 6.90 3.36
C SER A 305 -13.56 6.51 4.29
N VAL A 306 -14.57 7.39 4.34
CA VAL A 306 -15.74 7.07 5.13
C VAL A 306 -16.47 5.86 4.57
N LEU A 307 -16.33 5.57 3.28
CA LEU A 307 -16.94 4.38 2.71
C LEU A 307 -16.16 3.11 3.06
N SER A 308 -14.84 3.21 3.22
CA SER A 308 -14.01 2.05 3.51
C SER A 308 -12.79 2.54 4.28
N GLY A 309 -12.88 2.50 5.61
CA GLY A 309 -11.79 3.01 6.41
C GLY A 309 -11.77 2.41 7.80
N THR A 310 -10.72 2.77 8.54
CA THR A 310 -10.54 2.38 9.92
C THR A 310 -10.54 3.64 10.76
N LYS A 311 -11.27 3.61 11.88
CA LYS A 311 -11.21 4.73 12.80
C LYS A 311 -9.79 4.77 13.37
N ALA A 312 -9.05 5.84 13.09
CA ALA A 312 -7.61 5.86 13.37
C ALA A 312 -7.34 6.45 14.76
N THR A 313 -7.67 5.65 15.77
CA THR A 313 -7.53 6.06 17.16
C THR A 313 -6.76 5.00 17.93
N GLY A 314 -6.00 5.44 18.93
CA GLY A 314 -5.21 4.55 19.75
C GLY A 314 -4.29 3.66 18.93
N PRO A 315 -4.35 2.35 19.15
CA PRO A 315 -3.46 1.44 18.44
C PRO A 315 -3.75 1.34 16.96
N HIS A 316 -4.83 1.96 16.47
CA HIS A 316 -5.17 1.90 15.05
C HIS A 316 -4.84 3.19 14.32
N ALA A 317 -4.16 4.14 14.97
CA ALA A 317 -3.95 5.46 14.39
C ALA A 317 -2.78 5.48 13.41
N TYR A 318 -2.80 4.58 12.42
CA TYR A 318 -1.70 4.46 11.47
C TYR A 318 -2.30 4.21 10.09
N LEU A 319 -1.56 4.61 9.05
CA LEU A 319 -2.05 4.43 7.68
C LEU A 319 -2.17 2.94 7.31
N GLY A 320 -3.40 2.51 7.02
CA GLY A 320 -3.64 1.12 6.67
C GLY A 320 -2.93 0.71 5.41
N ARG A 321 -2.61 -0.58 5.31
CA ARG A 321 -1.77 -1.07 4.22
C ARG A 321 -2.37 -0.72 2.86
N TYR A 322 -3.69 -0.81 2.71
CA TYR A 322 -4.35 -0.64 1.44
C TYR A 322 -5.00 0.74 1.29
N HIS A 323 -4.69 1.68 2.19
CA HIS A 323 -5.29 3.00 2.16
C HIS A 323 -4.35 4.02 1.53
N LEU A 324 -4.91 4.88 0.69
CA LEU A 324 -4.14 5.91 0.00
C LEU A 324 -4.71 7.29 0.31
N GLN A 325 -5.49 7.39 1.37
CA GLN A 325 -6.05 8.68 1.76
C GLN A 325 -6.33 8.64 3.25
N VAL A 326 -6.40 9.85 3.82
CA VAL A 326 -6.70 10.06 5.23
C VAL A 326 -7.80 11.09 5.25
N SER A 327 -8.92 10.75 5.88
CA SER A 327 -10.09 11.64 5.94
C SER A 327 -10.24 12.13 7.37
N VAL A 328 -10.42 13.44 7.54
CA VAL A 328 -10.64 14.01 8.86
C VAL A 328 -11.95 14.77 8.82
N LEU A 329 -12.84 14.45 9.77
CA LEU A 329 -14.21 14.91 9.77
C LEU A 329 -14.56 15.46 11.13
N ARG A 330 -15.61 16.28 11.18
N ARG A 330 -15.62 16.27 11.17
CA ARG A 330 -16.14 16.75 12.45
CA ARG A 330 -16.17 16.73 12.43
C ARG A 330 -16.78 15.60 13.23
C ARG A 330 -16.74 15.57 13.23
N GLU A 331 -16.75 15.71 14.54
CA GLU A 331 -17.46 14.79 15.42
C GLU A 331 -18.79 15.41 15.82
N GLY A 332 -19.76 14.54 16.11
CA GLY A 332 -21.09 15.00 16.46
C GLY A 332 -21.69 14.27 17.65
S1 DTT B . -10.37 -3.10 -11.68
C1 DTT B . -11.79 -2.04 -11.29
C2 DTT B . -13.08 -2.84 -11.17
O2 DTT B . -13.28 -3.56 -12.37
C3 DTT B . -14.28 -1.95 -10.92
O3 DTT B . -13.91 -0.88 -10.07
C4 DTT B . -14.75 -1.35 -12.23
S4 DTT B . -16.54 -1.07 -12.32
#